data_3IAB
#
_entry.id   3IAB
#
_cell.length_a   126.514
_cell.length_b   126.514
_cell.length_c   76.766
_cell.angle_alpha   90.00
_cell.angle_beta   90.00
_cell.angle_gamma   90.00
#
_symmetry.space_group_name_H-M   'P 42 2 2'
#
loop_
_entity.id
_entity.type
_entity.pdbx_description
1 polymer 'Ribonucleases P/MRP protein subunit POP6'
2 polymer 'Ribonucleases P/MRP protein subunit POP7'
3 polymer 'P3 domain of the RNA component of RNase MRP'
4 non-polymer 'ZINC ION'
5 water water
#
loop_
_entity_poly.entity_id
_entity_poly.type
_entity_poly.pdbx_seq_one_letter_code
_entity_poly.pdbx_strand_id
1 'polypeptide(L)'
;(MSE)INGVYYNEISRDLDISSSTQCLRFLKETVIPSLANNGNNSTSIQYHGISKNDNIKKSVNKLDKQIN(MSE)ADRS
LGLQQVVCIFSYGPHIQK(MSE)LSILEIFKKGYIKNNKKIYQWNKLTSFDIKREGRNELQEERLKVPILVT(MSE)VSD
SEIIDLNLHSFTKQ
;
A
2 'polypeptide(L)'
;(MSE)ALKKNTHNKSTKRVTKHPSLKTLTHKQIHTTIFVKSTTPYVSALKRINKFLDSVHKQGSSYVAVLG(MSE)GKAV
EKTLALGCHFQDQKNKKIEVYTKTIEVLDEVITEGQADID(MSE)ESDVEDDDKETQLKKRAVSGVELRIYV
;
B
3 'polyribonucleotide' GGACUCAGUAAUAUGCUUUGGAAACGAAGCUUACAAAAUGGAGUCC R
#
loop_
_chem_comp.id
_chem_comp.type
_chem_comp.name
_chem_comp.formula
A RNA linking ADENOSINE-5'-MONOPHOSPHATE 'C10 H14 N5 O7 P'
C RNA linking CYTIDINE-5'-MONOPHOSPHATE 'C9 H14 N3 O8 P'
G RNA linking GUANOSINE-5'-MONOPHOSPHATE 'C10 H14 N5 O8 P'
U RNA linking URIDINE-5'-MONOPHOSPHATE 'C9 H13 N2 O9 P'
ZN non-polymer 'ZINC ION' 'Zn 2'
#
# COMPACT_ATOMS: atom_id res chain seq x y z
N GLY A 4 21.88 -6.03 -10.92
CA GLY A 4 21.54 -5.95 -9.47
C GLY A 4 20.40 -4.98 -9.17
N VAL A 5 20.24 -4.66 -7.88
CA VAL A 5 19.10 -3.87 -7.39
C VAL A 5 19.51 -2.44 -7.07
N TYR A 6 18.63 -1.49 -7.38
CA TYR A 6 18.88 -0.07 -7.20
C TYR A 6 17.80 0.57 -6.33
N TYR A 7 18.22 1.40 -5.37
CA TYR A 7 17.30 2.24 -4.62
C TYR A 7 17.72 3.71 -4.66
N ASN A 8 16.74 4.58 -4.87
CA ASN A 8 16.96 6.01 -5.04
C ASN A 8 18.08 6.32 -6.03
N GLU A 9 18.02 5.67 -7.20
CA GLU A 9 19.01 5.79 -8.28
C GLU A 9 20.40 5.20 -7.95
N ILE A 10 20.54 4.67 -6.73
CA ILE A 10 21.83 4.16 -6.27
C ILE A 10 21.82 2.64 -6.15
N SER A 11 22.85 2.01 -6.72
CA SER A 11 23.02 0.56 -6.64
C SER A 11 23.22 0.10 -5.19
N ARG A 12 22.61 -1.02 -4.85
CA ARG A 12 22.68 -1.56 -3.49
C ARG A 12 23.01 -3.05 -3.54
N ASP A 13 23.68 -3.54 -2.50
CA ASP A 13 24.02 -4.96 -2.40
C ASP A 13 22.82 -5.73 -1.89
N LEU A 14 21.90 -6.06 -2.80
CA LEU A 14 20.67 -6.76 -2.44
C LEU A 14 20.30 -7.87 -3.41
N ASP A 15 19.62 -8.89 -2.89
CA ASP A 15 19.03 -9.95 -3.71
C ASP A 15 17.53 -9.92 -3.49
N ILE A 16 16.79 -9.45 -4.51
CA ILE A 16 15.34 -9.34 -4.47
C ILE A 16 14.61 -10.60 -3.97
N SER A 17 15.14 -11.76 -4.32
CA SER A 17 14.55 -13.04 -3.92
C SER A 17 14.59 -13.25 -2.40
N SER A 18 15.54 -12.61 -1.73
CA SER A 18 15.66 -12.70 -0.27
C SER A 18 14.86 -11.61 0.44
N SER A 19 13.75 -12.02 1.06
CA SER A 19 12.92 -11.12 1.84
C SER A 19 13.64 -10.71 3.11
N THR A 20 14.28 -11.68 3.77
CA THR A 20 15.13 -11.46 4.93
C THR A 20 16.09 -10.28 4.69
N GLN A 21 16.79 -10.33 3.57
CA GLN A 21 17.79 -9.32 3.22
C GLN A 21 17.16 -7.98 2.86
N CYS A 22 16.09 -8.03 2.06
CA CYS A 22 15.46 -6.81 1.55
C CYS A 22 14.67 -6.06 2.60
N LEU A 23 14.02 -6.80 3.50
CA LEU A 23 13.24 -6.21 4.59
C LEU A 23 14.14 -5.48 5.59
N ARG A 24 15.32 -6.03 5.85
CA ARG A 24 16.31 -5.40 6.71
C ARG A 24 16.78 -4.09 6.12
N PHE A 25 17.07 -4.09 4.81
CA PHE A 25 17.48 -2.88 4.10
C PHE A 25 16.40 -1.81 4.18
N LEU A 26 15.15 -2.21 4.05
CA LEU A 26 14.03 -1.29 4.18
C LEU A 26 14.05 -0.63 5.55
N LYS A 27 14.17 -1.45 6.59
CA LYS A 27 14.16 -1.00 7.98
C LYS A 27 15.35 -0.11 8.31
N GLU A 28 16.54 -0.52 7.89
CA GLU A 28 17.77 0.18 8.26
C GLU A 28 18.09 1.39 7.39
N THR A 29 17.56 1.44 6.18
CA THR A 29 17.88 2.51 5.23
C THR A 29 16.64 3.31 4.79
N VAL A 30 15.65 2.61 4.23
CA VAL A 30 14.50 3.26 3.60
C VAL A 30 13.60 4.02 4.58
N ILE A 31 13.18 3.36 5.65
CA ILE A 31 12.25 3.96 6.62
C ILE A 31 12.84 5.21 7.29
N PRO A 32 14.12 5.15 7.74
CA PRO A 32 14.75 6.35 8.28
C PRO A 32 14.85 7.47 7.26
N SER A 33 15.04 7.10 5.99
CA SER A 33 15.10 8.05 4.88
C SER A 33 13.81 8.86 4.72
N LEU A 34 12.80 8.52 5.49
CA LEU A 34 11.48 9.15 5.40
C LEU A 34 10.99 9.69 6.73
N ALA A 35 11.46 9.10 7.82
CA ALA A 35 10.97 9.45 9.15
C ALA A 35 12.08 9.50 10.21
N ASN A 36 12.20 10.65 10.86
CA ASN A 36 13.14 10.84 11.98
C ASN A 36 12.41 10.76 13.31
N ASN A 37 12.77 9.75 14.11
CA ASN A 37 12.16 9.51 15.41
C ASN A 37 12.90 10.22 16.55
N GLY A 38 14.07 10.78 16.22
CA GLY A 38 14.95 11.40 17.20
C GLY A 38 14.48 12.74 17.75
N ASN A 39 13.98 13.61 16.88
CA ASN A 39 13.60 14.97 17.26
C ASN A 39 12.18 15.12 17.81
N ASN A 40 11.44 14.02 17.88
CA ASN A 40 10.01 14.06 18.23
C ASN A 40 9.56 13.06 19.29
N SER A 41 8.27 13.08 19.63
CA SER A 41 7.72 12.32 20.76
C SER A 41 7.10 10.96 20.40
N THR A 42 7.59 10.34 19.34
CA THR A 42 7.00 9.09 18.84
C THR A 42 7.77 7.83 19.25
N SER A 43 7.06 6.71 19.36
CA SER A 43 7.66 5.43 19.69
C SER A 43 7.39 4.41 18.57
N ILE A 44 8.38 4.21 17.70
CA ILE A 44 8.20 3.38 16.50
C ILE A 44 8.45 1.88 16.73
N GLN A 45 7.44 1.08 16.40
CA GLN A 45 7.56 -0.38 16.39
C GLN A 45 7.56 -0.88 14.95
N TYR A 46 8.60 -1.63 14.59
CA TYR A 46 8.76 -2.11 13.22
C TYR A 46 8.15 -3.49 12.99
N HIS A 47 7.52 -3.66 11.82
CA HIS A 47 6.87 -4.92 11.47
C HIS A 47 6.95 -5.18 9.96
N GLY A 48 8.01 -5.86 9.54
CA GLY A 48 8.18 -6.25 8.14
C GLY A 48 7.35 -7.48 7.83
N ILE A 49 6.83 -7.55 6.61
CA ILE A 49 5.94 -8.65 6.22
C ILE A 49 6.38 -9.33 4.93
N SER A 50 6.42 -10.66 4.96
CA SER A 50 6.67 -11.48 3.79
C SER A 50 5.41 -12.27 3.40
N LYS A 51 5.40 -12.77 2.17
CA LYS A 51 4.30 -13.58 1.64
C LYS A 51 4.03 -14.85 2.45
N ASN A 52 4.99 -15.25 3.26
CA ASN A 52 4.91 -16.49 4.05
C ASN A 52 4.35 -16.29 5.46
N ASP A 53 4.08 -15.05 5.83
CA ASP A 53 3.65 -14.71 7.19
C ASP A 53 2.22 -15.17 7.48
N ASN A 54 2.01 -15.76 8.65
CA ASN A 54 0.68 -16.16 9.09
C ASN A 54 -0.13 -14.93 9.51
N ILE A 55 -1.35 -14.83 9.00
CA ILE A 55 -2.20 -13.67 9.28
C ILE A 55 -2.59 -13.58 10.74
N LYS A 56 -3.07 -14.69 11.30
CA LYS A 56 -3.50 -14.75 12.70
C LYS A 56 -2.40 -14.28 13.65
N LYS A 57 -1.22 -14.88 13.52
CA LYS A 57 -0.08 -14.57 14.38
C LYS A 57 0.42 -13.13 14.20
N SER A 58 0.31 -12.61 12.99
CA SER A 58 0.79 -11.27 12.68
C SER A 58 -0.16 -10.17 13.17
N VAL A 59 -1.47 -10.43 13.10
CA VAL A 59 -2.45 -9.50 13.67
C VAL A 59 -2.30 -9.44 15.19
N ASN A 60 -2.11 -10.62 15.81
CA ASN A 60 -1.80 -10.74 17.23
C ASN A 60 -0.62 -9.87 17.65
N LYS A 61 0.46 -9.95 16.89
CA LYS A 61 1.68 -9.18 17.14
C LYS A 61 1.43 -7.68 17.07
N LEU A 62 0.67 -7.26 16.05
CA LEU A 62 0.34 -5.84 15.87
C LEU A 62 -0.50 -5.29 17.03
N ASP A 63 -1.38 -6.13 17.57
CA ASP A 63 -2.18 -5.77 18.73
C ASP A 63 -1.31 -5.53 19.95
N LYS A 64 -0.26 -6.34 20.11
CA LYS A 64 0.71 -6.16 21.17
C LYS A 64 1.56 -4.91 20.93
N GLN A 65 2.05 -4.76 19.71
CA GLN A 65 2.91 -3.64 19.33
C GLN A 65 2.25 -2.27 19.47
N ILE A 66 0.94 -2.21 19.20
CA ILE A 66 0.19 -0.96 19.26
C ILE A 66 -0.08 -0.52 20.71
N ASN A 67 -0.03 -1.47 21.64
CA ASN A 67 -0.22 -1.19 23.07
C ASN A 67 1.06 -1.46 23.89
N MSE A 68 2.22 -1.15 23.31
CA MSE A 68 3.50 -1.55 23.92
C MSE A 68 4.25 -0.42 24.64
O MSE A 68 4.91 -0.66 25.65
CB MSE A 68 4.41 -2.21 22.88
CG MSE A 68 5.53 -3.03 23.47
SE MSE A 68 6.29 -4.32 22.23
CE MSE A 68 4.88 -5.66 22.26
N ALA A 69 4.15 0.80 24.12
CA ALA A 69 4.85 1.95 24.72
C ALA A 69 4.29 2.33 26.08
N ASP A 70 5.10 2.99 26.90
CA ASP A 70 4.72 3.36 28.27
C ASP A 70 3.62 4.41 28.27
N ARG A 71 2.57 4.12 29.05
CA ARG A 71 1.43 5.01 29.20
C ARG A 71 1.73 6.20 30.13
N SER A 72 2.77 6.06 30.95
CA SER A 72 3.12 7.05 31.96
C SER A 72 3.99 8.19 31.41
N LEU A 73 4.79 7.89 30.41
CA LEU A 73 5.74 8.87 29.87
C LEU A 73 5.12 9.76 28.78
N GLY A 74 3.86 9.49 28.46
CA GLY A 74 3.14 10.25 27.42
C GLY A 74 3.74 10.05 26.04
N LEU A 75 3.96 8.79 25.67
CA LEU A 75 4.49 8.45 24.35
C LEU A 75 3.39 7.94 23.43
N GLN A 76 3.37 8.46 22.20
CA GLN A 76 2.40 8.02 21.20
C GLN A 76 2.87 6.76 20.48
N GLN A 77 2.04 5.72 20.53
CA GLN A 77 2.37 4.40 20.00
C GLN A 77 2.18 4.34 18.48
N VAL A 78 3.29 4.15 17.78
CA VAL A 78 3.32 4.13 16.31
C VAL A 78 3.93 2.83 15.79
N VAL A 79 3.17 2.11 14.96
CA VAL A 79 3.66 0.87 14.35
C VAL A 79 3.91 1.07 12.85
N CYS A 80 5.10 0.69 12.41
CA CYS A 80 5.46 0.79 11.01
C CYS A 80 5.41 -0.57 10.32
N ILE A 81 4.35 -0.77 9.56
CA ILE A 81 4.15 -1.97 8.77
C ILE A 81 4.66 -1.72 7.36
N PHE A 82 5.61 -2.55 6.92
CA PHE A 82 6.28 -2.34 5.64
C PHE A 82 6.55 -3.63 4.90
N SER A 83 6.48 -3.57 3.57
CA SER A 83 6.77 -4.70 2.69
C SER A 83 7.06 -4.25 1.25
N TYR A 84 7.43 -5.20 0.39
CA TYR A 84 7.80 -4.92 -1.00
C TYR A 84 7.40 -6.03 -1.96
N GLY A 85 7.10 -5.65 -3.20
CA GLY A 85 6.84 -6.58 -4.30
C GLY A 85 5.81 -7.67 -4.06
N PRO A 86 6.23 -8.94 -4.21
CA PRO A 86 5.33 -10.09 -4.08
C PRO A 86 4.78 -10.29 -2.67
N HIS A 87 5.29 -9.52 -1.70
CA HIS A 87 4.92 -9.66 -0.29
C HIS A 87 3.87 -8.64 0.17
N ILE A 88 3.60 -7.64 -0.67
CA ILE A 88 2.66 -6.57 -0.32
C ILE A 88 1.22 -7.07 -0.12
N GLN A 89 0.83 -8.08 -0.90
CA GLN A 89 -0.51 -8.68 -0.77
C GLN A 89 -0.80 -9.12 0.66
N LYS A 90 0.09 -9.92 1.22
CA LYS A 90 -0.09 -10.44 2.57
C LYS A 90 -0.07 -9.33 3.61
N MSE A 91 0.76 -8.32 3.37
CA MSE A 91 0.78 -7.14 4.22
C MSE A 91 -0.61 -6.51 4.28
O MSE A 91 -1.13 -6.28 5.38
CB MSE A 91 1.80 -6.12 3.73
CG MSE A 91 1.74 -4.82 4.49
SE MSE A 91 2.85 -3.41 3.76
CE MSE A 91 1.85 -1.90 4.44
N LEU A 92 -1.20 -6.26 3.12
CA LEU A 92 -2.51 -5.62 3.02
C LEU A 92 -3.57 -6.37 3.82
N SER A 93 -3.57 -7.70 3.70
CA SER A 93 -4.52 -8.56 4.43
C SER A 93 -4.35 -8.41 5.94
N ILE A 94 -3.12 -8.63 6.42
CA ILE A 94 -2.78 -8.43 7.83
C ILE A 94 -3.19 -7.03 8.30
N LEU A 95 -2.79 -6.00 7.56
CA LEU A 95 -3.10 -4.62 7.90
C LEU A 95 -4.61 -4.38 8.00
N GLU A 96 -5.35 -4.76 6.96
CA GLU A 96 -6.79 -4.49 6.90
C GLU A 96 -7.60 -5.22 7.96
N ILE A 97 -7.25 -6.49 8.21
CA ILE A 97 -7.89 -7.28 9.27
C ILE A 97 -7.60 -6.69 10.66
N PHE A 98 -6.37 -6.24 10.87
CA PHE A 98 -5.99 -5.60 12.14
C PHE A 98 -6.86 -4.39 12.45
N LYS A 99 -7.05 -3.52 11.46
CA LYS A 99 -7.91 -2.34 11.59
C LYS A 99 -9.37 -2.73 11.84
N LYS A 100 -9.81 -3.81 11.18
CA LYS A 100 -11.16 -4.35 11.35
C LYS A 100 -11.41 -4.74 12.82
N GLY A 101 -10.42 -5.41 13.42
CA GLY A 101 -10.49 -5.81 14.82
C GLY A 101 -10.20 -4.71 15.81
N TYR A 102 -9.97 -3.50 15.29
CA TYR A 102 -9.66 -2.35 16.13
C TYR A 102 -10.84 -1.39 16.23
N ILE A 103 -11.52 -1.16 15.11
CA ILE A 103 -12.66 -0.22 15.06
C ILE A 103 -13.95 -0.78 15.65
N LYS A 104 -14.01 -2.10 15.84
CA LYS A 104 -15.18 -2.75 16.41
C LYS A 104 -15.40 -2.43 17.89
N ASN A 105 -14.32 -2.07 18.57
CA ASN A 105 -14.38 -1.63 19.97
C ASN A 105 -14.81 -0.16 20.07
N ASN A 106 -15.21 0.41 18.93
CA ASN A 106 -15.53 1.83 18.78
C ASN A 106 -14.31 2.75 19.00
N LYS A 107 -13.13 2.22 18.70
CA LYS A 107 -11.88 2.96 18.76
C LYS A 107 -11.52 3.47 17.36
N LYS A 108 -10.51 4.35 17.28
CA LYS A 108 -10.11 4.93 16.01
C LYS A 108 -8.63 4.71 15.67
N ILE A 109 -8.37 4.16 14.49
CA ILE A 109 -7.02 4.02 13.95
C ILE A 109 -6.76 5.10 12.90
N TYR A 110 -5.51 5.56 12.86
CA TYR A 110 -5.07 6.50 11.84
C TYR A 110 -3.85 5.94 11.14
N GLN A 111 -3.81 6.05 9.81
CA GLN A 111 -2.70 5.50 9.05
C GLN A 111 -2.13 6.45 8.00
N TRP A 112 -0.85 6.24 7.69
CA TRP A 112 -0.13 7.02 6.69
C TRP A 112 0.60 6.04 5.78
N ASN A 113 0.40 6.16 4.48
CA ASN A 113 1.01 5.26 3.51
C ASN A 113 1.99 5.98 2.59
N LYS A 114 3.14 5.35 2.33
CA LYS A 114 4.09 5.86 1.35
C LYS A 114 4.47 4.77 0.36
N LEU A 115 4.48 5.12 -0.92
CA LEU A 115 4.89 4.20 -1.97
C LEU A 115 6.21 4.64 -2.58
N THR A 116 7.15 3.71 -2.63
CA THR A 116 8.43 3.90 -3.30
C THR A 116 8.77 2.57 -3.96
N SER A 117 9.99 2.41 -4.49
CA SER A 117 10.31 1.22 -5.27
C SER A 117 11.79 0.85 -5.30
N PHE A 118 12.05 -0.40 -5.68
CA PHE A 118 13.38 -0.84 -6.11
C PHE A 118 13.39 -0.83 -7.63
N ASP A 119 14.54 -0.52 -8.21
CA ASP A 119 14.73 -0.62 -9.66
C ASP A 119 15.70 -1.76 -9.97
N ILE A 120 15.17 -2.84 -10.52
CA ILE A 120 15.99 -4.00 -10.90
C ILE A 120 16.33 -3.94 -12.39
N LYS A 121 17.60 -4.20 -12.71
CA LYS A 121 18.11 -4.09 -14.08
C LYS A 121 18.84 -5.35 -14.54
N GLN A 129 19.96 -3.97 -24.68
CA GLN A 129 19.09 -2.95 -24.11
C GLN A 129 18.99 -3.09 -22.58
N GLU A 130 18.82 -1.95 -21.91
CA GLU A 130 18.77 -1.90 -20.46
C GLU A 130 17.33 -2.01 -19.92
N GLU A 131 17.10 -3.02 -19.10
CA GLU A 131 15.83 -3.21 -18.39
C GLU A 131 15.73 -2.26 -17.20
N ARG A 132 14.52 -1.81 -16.87
CA ARG A 132 14.29 -1.00 -15.67
C ARG A 132 12.90 -1.26 -15.08
N LEU A 133 12.83 -2.30 -14.24
CA LEU A 133 11.56 -2.73 -13.65
C LEU A 133 11.37 -2.14 -12.25
N LYS A 134 10.13 -1.73 -11.97
CA LYS A 134 9.79 -1.18 -10.66
C LYS A 134 9.23 -2.26 -9.74
N VAL A 135 9.98 -2.56 -8.67
CA VAL A 135 9.50 -3.44 -7.61
C VAL A 135 9.01 -2.56 -6.46
N PRO A 136 7.68 -2.47 -6.28
CA PRO A 136 7.08 -1.50 -5.35
C PRO A 136 7.39 -1.75 -3.89
N ILE A 137 7.30 -0.69 -3.09
CA ILE A 137 7.53 -0.74 -1.65
C ILE A 137 6.44 0.03 -0.94
N LEU A 138 5.75 -0.65 -0.04
CA LEU A 138 4.68 -0.02 0.73
C LEU A 138 5.09 0.12 2.18
N VAL A 139 5.04 1.37 2.66
CA VAL A 139 5.35 1.68 4.05
C VAL A 139 4.13 2.31 4.68
N THR A 140 3.59 1.66 5.70
CA THR A 140 2.41 2.14 6.40
C THR A 140 2.70 2.41 7.87
N MSE A 141 2.28 3.59 8.33
CA MSE A 141 2.38 3.97 9.73
C MSE A 141 1.00 3.91 10.34
O MSE A 141 0.04 4.47 9.80
CB MSE A 141 2.91 5.40 9.87
CG MSE A 141 4.23 5.65 9.15
SE MSE A 141 5.70 4.78 10.07
CE MSE A 141 7.15 5.35 8.89
N VAL A 142 0.87 3.23 11.48
CA VAL A 142 -0.41 3.19 12.18
C VAL A 142 -0.28 3.66 13.63
N SER A 143 -1.29 4.39 14.08
CA SER A 143 -1.32 4.94 15.44
C SER A 143 -2.75 5.15 15.91
N ASP A 144 -2.90 5.21 17.24
CA ASP A 144 -4.18 5.58 17.85
C ASP A 144 -4.24 7.09 18.12
N SER A 145 -3.11 7.76 17.90
CA SER A 145 -3.02 9.22 18.00
C SER A 145 -3.25 9.82 16.61
N GLU A 146 -4.12 10.83 16.54
CA GLU A 146 -4.47 11.46 15.27
C GLU A 146 -3.32 12.31 14.70
N ILE A 147 -2.63 13.03 15.58
CA ILE A 147 -1.47 13.81 15.17
C ILE A 147 -0.20 13.10 15.61
N ILE A 148 0.63 12.75 14.64
CA ILE A 148 1.93 12.13 14.91
C ILE A 148 3.03 13.16 14.72
N ASP A 149 4.01 13.15 15.62
CA ASP A 149 5.12 14.09 15.57
C ASP A 149 6.19 13.77 14.51
N LEU A 150 6.02 12.66 13.80
CA LEU A 150 6.94 12.24 12.73
C LEU A 150 6.84 13.11 11.49
N ASN A 151 7.98 13.31 10.83
CA ASN A 151 8.06 14.08 9.59
C ASN A 151 7.68 13.23 8.39
N LEU A 152 6.39 13.02 8.22
CA LEU A 152 5.89 12.19 7.12
C LEU A 152 4.97 12.96 6.17
N HIS A 153 5.52 14.00 5.57
CA HIS A 153 4.77 14.86 4.66
C HIS A 153 4.48 14.18 3.32
N SER A 154 5.42 13.33 2.88
CA SER A 154 5.33 12.65 1.59
C SER A 154 4.26 11.55 1.60
N PHE A 155 3.81 11.20 2.80
CA PHE A 155 2.86 10.11 3.01
C PHE A 155 1.43 10.48 2.61
N THR A 156 0.51 9.52 2.75
CA THR A 156 -0.89 9.70 2.40
C THR A 156 -1.77 9.38 3.62
N LYS A 157 -2.54 10.38 4.06
CA LYS A 157 -3.39 10.22 5.24
C LYS A 157 -4.63 9.38 4.92
N GLN A 158 -4.92 8.42 5.79
CA GLN A 158 -6.06 7.51 5.62
C GLN A 158 -6.60 7.08 6.98
N ARG B 14 -17.57 -22.18 -4.57
CA ARG B 14 -16.60 -22.13 -5.68
C ARG B 14 -17.27 -21.97 -7.05
N VAL B 15 -18.46 -22.55 -7.20
CA VAL B 15 -19.11 -22.70 -8.52
C VAL B 15 -19.05 -21.45 -9.42
N THR B 16 -19.30 -20.27 -8.86
CA THR B 16 -18.99 -19.00 -9.54
C THR B 16 -18.72 -17.85 -8.57
N LYS B 17 -17.89 -16.90 -9.00
CA LYS B 17 -17.58 -15.72 -8.20
C LYS B 17 -17.95 -14.40 -8.86
N HIS B 18 -18.82 -13.65 -8.20
CA HIS B 18 -19.32 -12.36 -8.69
C HIS B 18 -18.28 -11.26 -8.48
N PRO B 19 -18.25 -10.25 -9.38
CA PRO B 19 -17.33 -9.13 -9.22
C PRO B 19 -17.80 -8.16 -8.13
N SER B 20 -16.99 -7.14 -7.87
CA SER B 20 -17.26 -6.19 -6.79
C SER B 20 -18.34 -5.17 -7.16
N LEU B 21 -19.11 -4.77 -6.15
CA LEU B 21 -20.04 -3.65 -6.30
C LEU B 21 -19.27 -2.35 -6.37
N LYS B 22 -19.60 -1.51 -7.34
CA LYS B 22 -18.88 -0.25 -7.55
C LYS B 22 -19.85 0.93 -7.61
N THR B 23 -20.03 1.59 -6.48
CA THR B 23 -20.94 2.74 -6.39
C THR B 23 -20.26 3.96 -7.01
N LEU B 24 -20.26 4.02 -8.34
CA LEU B 24 -19.61 5.11 -9.07
C LEU B 24 -20.64 5.97 -9.80
N THR B 25 -20.34 7.26 -9.89
CA THR B 25 -21.14 8.19 -10.68
C THR B 25 -20.60 8.23 -12.10
N HIS B 26 -21.35 8.87 -13.00
CA HIS B 26 -20.95 8.97 -14.42
C HIS B 26 -19.57 9.61 -14.58
N LYS B 27 -19.30 10.62 -13.75
CA LYS B 27 -18.03 11.34 -13.80
C LYS B 27 -16.87 10.51 -13.25
N GLN B 28 -17.19 9.61 -12.30
CA GLN B 28 -16.20 8.68 -11.76
C GLN B 28 -15.80 7.61 -12.77
N ILE B 29 -16.79 7.16 -13.55
CA ILE B 29 -16.60 6.13 -14.57
C ILE B 29 -15.56 6.53 -15.62
N HIS B 30 -15.42 7.83 -15.85
CA HIS B 30 -14.47 8.35 -16.83
C HIS B 30 -13.16 8.82 -16.21
N THR B 31 -13.00 8.61 -14.91
CA THR B 31 -11.78 9.01 -14.18
C THR B 31 -11.10 7.84 -13.49
N THR B 32 -11.76 6.69 -13.47
CA THR B 32 -11.27 5.50 -12.76
C THR B 32 -10.85 4.38 -13.71
N ILE B 33 -9.69 3.79 -13.44
CA ILE B 33 -9.22 2.60 -14.15
C ILE B 33 -9.19 1.41 -13.20
N PHE B 34 -9.55 0.23 -13.71
CA PHE B 34 -9.50 -1.00 -12.96
C PHE B 34 -8.48 -1.94 -13.59
N VAL B 35 -7.49 -2.36 -12.80
CA VAL B 35 -6.42 -3.22 -13.30
C VAL B 35 -6.73 -4.69 -13.04
N LYS B 36 -6.71 -5.49 -14.11
CA LYS B 36 -6.94 -6.91 -14.03
C LYS B 36 -5.61 -7.64 -13.88
N SER B 37 -5.67 -8.86 -13.33
CA SER B 37 -4.49 -9.73 -13.30
C SER B 37 -3.95 -9.98 -14.70
N THR B 38 -4.86 -10.06 -15.69
CA THR B 38 -4.52 -10.33 -17.09
C THR B 38 -3.86 -9.14 -17.78
N THR B 39 -4.16 -7.93 -17.32
CA THR B 39 -3.65 -6.69 -17.92
C THR B 39 -2.13 -6.68 -18.06
N PRO B 40 -1.63 -6.49 -19.30
CA PRO B 40 -0.20 -6.31 -19.51
C PRO B 40 0.25 -4.94 -19.05
N TYR B 41 1.55 -4.79 -18.77
CA TYR B 41 2.08 -3.57 -18.17
C TYR B 41 1.88 -2.32 -19.03
N VAL B 42 2.31 -2.39 -20.29
CA VAL B 42 2.26 -1.23 -21.20
C VAL B 42 0.83 -0.87 -21.59
N SER B 43 -0.02 -1.88 -21.75
CA SER B 43 -1.44 -1.68 -21.99
C SER B 43 -2.04 -0.78 -20.90
N ALA B 44 -1.62 -1.03 -19.66
CA ALA B 44 -2.07 -0.24 -18.51
C ALA B 44 -1.46 1.16 -18.50
N LEU B 45 -0.20 1.28 -18.89
CA LEU B 45 0.45 2.58 -19.03
C LEU B 45 -0.31 3.45 -20.03
N LYS B 46 -0.47 2.92 -21.24
CA LYS B 46 -1.17 3.63 -22.31
C LYS B 46 -2.55 4.11 -21.87
N ARG B 47 -3.29 3.23 -21.18
CA ARG B 47 -4.63 3.55 -20.72
C ARG B 47 -4.66 4.66 -19.69
N ILE B 48 -3.71 4.63 -18.74
CA ILE B 48 -3.62 5.67 -17.72
C ILE B 48 -3.26 7.02 -18.35
N ASN B 49 -2.26 7.02 -19.22
CA ASN B 49 -1.90 8.21 -20.00
C ASN B 49 -3.11 8.88 -20.63
N LYS B 50 -3.90 8.09 -21.36
CA LYS B 50 -5.11 8.59 -22.04
C LYS B 50 -6.09 9.21 -21.06
N PHE B 51 -6.21 8.60 -19.88
CA PHE B 51 -7.08 9.12 -18.82
C PHE B 51 -6.55 10.41 -18.21
N LEU B 52 -5.23 10.55 -18.15
CA LEU B 52 -4.61 11.76 -17.64
C LEU B 52 -4.94 12.97 -18.51
N ASP B 53 -4.89 12.77 -19.83
CA ASP B 53 -5.20 13.82 -20.80
C ASP B 53 -6.69 14.14 -20.85
N SER B 54 -7.52 13.12 -20.66
CA SER B 54 -8.97 13.25 -20.74
C SER B 54 -9.60 13.78 -19.45
N VAL B 55 -8.85 13.73 -18.35
CA VAL B 55 -9.36 14.14 -17.04
C VAL B 55 -9.50 15.66 -16.93
N HIS B 56 -8.81 16.36 -17.85
CA HIS B 56 -8.91 17.81 -17.97
C HIS B 56 -10.34 18.20 -18.34
N LYS B 57 -10.91 17.49 -19.31
CA LYS B 57 -12.28 17.71 -19.77
C LYS B 57 -13.31 17.30 -18.71
N GLN B 58 -13.00 16.24 -17.97
CA GLN B 58 -13.92 15.71 -16.95
C GLN B 58 -13.97 16.58 -15.70
N GLY B 59 -12.91 17.33 -15.44
CA GLY B 59 -12.85 18.24 -14.30
C GLY B 59 -12.48 17.58 -12.99
N SER B 60 -11.43 16.77 -13.00
CA SER B 60 -10.89 16.15 -11.80
C SER B 60 -9.37 16.22 -11.80
N SER B 61 -8.81 16.29 -10.60
CA SER B 61 -7.37 16.47 -10.41
C SER B 61 -6.59 15.18 -10.64
N TYR B 62 -7.25 14.04 -10.39
CA TYR B 62 -6.56 12.75 -10.39
C TYR B 62 -7.24 11.66 -11.22
N VAL B 63 -6.44 10.67 -11.61
CA VAL B 63 -6.94 9.43 -12.21
C VAL B 63 -6.81 8.31 -11.20
N ALA B 64 -7.95 7.82 -10.71
CA ALA B 64 -7.97 6.72 -9.74
C ALA B 64 -7.67 5.39 -10.42
N VAL B 65 -6.67 4.68 -9.89
CA VAL B 65 -6.29 3.37 -10.42
C VAL B 65 -6.49 2.31 -9.33
N LEU B 66 -7.40 1.37 -9.58
CA LEU B 66 -7.79 0.37 -8.59
C LEU B 66 -7.36 -1.04 -8.97
N GLY B 67 -6.89 -1.79 -7.98
CA GLY B 67 -6.43 -3.17 -8.16
C GLY B 67 -6.55 -3.94 -6.86
N MSE B 68 -6.77 -5.25 -6.96
CA MSE B 68 -6.91 -6.10 -5.79
C MSE B 68 -6.29 -7.49 -6.00
O MSE B 68 -5.97 -7.86 -7.12
CB MSE B 68 -8.37 -6.22 -5.32
CG MSE B 68 -9.31 -6.83 -6.34
SE MSE B 68 -11.19 -6.59 -5.88
CE MSE B 68 -11.52 -8.28 -4.98
N GLY B 69 -6.14 -8.24 -4.90
CA GLY B 69 -5.59 -9.58 -4.94
C GLY B 69 -4.33 -9.69 -5.80
N LYS B 70 -4.36 -10.64 -6.72
CA LYS B 70 -3.23 -10.94 -7.60
C LYS B 70 -2.62 -9.71 -8.29
N ALA B 71 -3.46 -8.71 -8.58
CA ALA B 71 -3.07 -7.54 -9.36
C ALA B 71 -2.35 -6.45 -8.57
N VAL B 72 -2.35 -6.58 -7.25
CA VAL B 72 -1.83 -5.55 -6.34
C VAL B 72 -0.41 -5.05 -6.70
N GLU B 73 0.53 -5.98 -6.84
CA GLU B 73 1.93 -5.64 -7.11
C GLU B 73 2.07 -4.82 -8.39
N LYS B 74 1.44 -5.28 -9.46
CA LYS B 74 1.50 -4.64 -10.77
C LYS B 74 0.85 -3.26 -10.75
N THR B 75 -0.29 -3.16 -10.09
CA THR B 75 -1.00 -1.90 -9.91
C THR B 75 -0.09 -0.86 -9.26
N LEU B 76 0.60 -1.27 -8.19
CA LEU B 76 1.54 -0.39 -7.49
C LEU B 76 2.80 -0.09 -8.32
N ALA B 77 3.26 -1.08 -9.09
CA ALA B 77 4.39 -0.90 -9.98
C ALA B 77 4.14 0.21 -11.00
N LEU B 78 2.88 0.34 -11.40
CA LEU B 78 2.46 1.40 -12.31
C LEU B 78 2.53 2.76 -11.62
N GLY B 79 2.03 2.80 -10.38
CA GLY B 79 2.11 4.00 -9.55
C GLY B 79 3.54 4.46 -9.33
N CYS B 80 4.47 3.52 -9.33
CA CYS B 80 5.89 3.81 -9.20
C CYS B 80 6.46 4.46 -10.47
N HIS B 81 5.94 4.04 -11.61
CA HIS B 81 6.37 4.58 -12.91
C HIS B 81 6.00 6.05 -13.07
N PHE B 82 4.74 6.38 -12.77
CA PHE B 82 4.23 7.73 -12.91
C PHE B 82 4.81 8.69 -11.87
N GLN B 83 5.02 8.19 -10.65
CA GLN B 83 5.55 8.99 -9.56
C GLN B 83 7.00 9.38 -9.81
N ASP B 84 7.78 8.45 -10.34
CA ASP B 84 9.21 8.64 -10.51
C ASP B 84 9.58 9.12 -11.91
N GLN B 85 9.33 8.29 -12.92
CA GLN B 85 9.74 8.58 -14.29
C GLN B 85 8.92 9.66 -14.99
N LYS B 86 7.76 9.99 -14.42
CA LYS B 86 6.89 11.01 -14.99
C LYS B 86 6.48 12.06 -13.95
N ASN B 87 7.23 12.12 -12.85
CA ASN B 87 7.09 13.14 -11.80
C ASN B 87 5.65 13.55 -11.46
N LYS B 88 4.81 12.56 -11.17
CA LYS B 88 3.43 12.82 -10.75
C LYS B 88 3.30 12.70 -9.23
N LYS B 89 2.37 13.45 -8.66
CA LYS B 89 2.08 13.41 -7.24
C LYS B 89 0.99 12.38 -7.00
N ILE B 90 1.32 11.32 -6.26
CA ILE B 90 0.38 10.21 -6.07
C ILE B 90 0.01 9.94 -4.61
N GLU B 91 -1.28 9.73 -4.38
CA GLU B 91 -1.78 9.25 -3.10
C GLU B 91 -2.00 7.74 -3.19
N VAL B 92 -1.80 7.04 -2.07
CA VAL B 92 -1.94 5.58 -2.02
C VAL B 92 -2.81 5.16 -0.85
N TYR B 93 -3.90 4.45 -1.16
CA TYR B 93 -4.85 3.99 -0.15
C TYR B 93 -4.94 2.47 -0.11
N THR B 94 -5.15 1.92 1.08
CA THR B 94 -5.32 0.48 1.25
C THR B 94 -6.80 0.18 1.41
N LYS B 95 -7.28 -0.81 0.68
CA LYS B 95 -8.72 -1.07 0.58
C LYS B 95 -9.14 -2.49 0.93
N THR B 96 -10.36 -2.61 1.46
CA THR B 96 -11.02 -3.90 1.65
C THR B 96 -12.22 -3.94 0.71
N ILE B 97 -12.34 -5.03 -0.04
CA ILE B 97 -13.42 -5.20 -1.00
C ILE B 97 -14.24 -6.44 -0.69
N GLU B 98 -15.55 -6.26 -0.57
CA GLU B 98 -16.49 -7.36 -0.40
C GLU B 98 -16.84 -7.98 -1.76
N VAL B 99 -16.77 -9.30 -1.82
CA VAL B 99 -17.06 -10.05 -3.04
C VAL B 99 -17.97 -11.22 -2.72
N LEU B 100 -19.00 -11.41 -3.54
CA LEU B 100 -19.96 -12.51 -3.35
C LEU B 100 -19.59 -13.75 -4.15
N ASP B 101 -19.70 -14.90 -3.50
CA ASP B 101 -19.46 -16.21 -4.12
C ASP B 101 -20.68 -17.09 -3.98
N GLU B 102 -20.80 -18.09 -4.85
CA GLU B 102 -21.77 -19.17 -4.67
C GLU B 102 -21.06 -20.53 -4.72
N VAL B 103 -21.48 -21.43 -3.83
CA VAL B 103 -20.86 -22.77 -3.71
C VAL B 103 -21.91 -23.87 -3.49
N ILE B 104 -23.18 -23.49 -3.49
CA ILE B 104 -24.30 -24.42 -3.24
C ILE B 104 -24.10 -25.81 -3.83
N GLN B 125 -26.88 -20.40 -2.67
CA GLN B 125 -26.53 -19.62 -1.49
C GLN B 125 -25.36 -18.67 -1.80
N LEU B 126 -25.58 -17.38 -1.58
CA LEU B 126 -24.54 -16.38 -1.81
C LEU B 126 -23.82 -16.01 -0.51
N LYS B 127 -22.51 -16.28 -0.47
CA LYS B 127 -21.71 -15.99 0.71
C LYS B 127 -20.73 -14.85 0.46
N LYS B 128 -20.58 -13.98 1.47
CA LYS B 128 -19.66 -12.85 1.41
C LYS B 128 -18.21 -13.32 1.59
N ARG B 129 -17.29 -12.62 0.91
CA ARG B 129 -15.86 -12.87 1.06
C ARG B 129 -15.09 -11.56 0.86
N ALA B 130 -14.10 -11.35 1.72
CA ALA B 130 -13.31 -10.12 1.69
C ALA B 130 -11.95 -10.32 1.04
N VAL B 131 -11.60 -9.40 0.16
CA VAL B 131 -10.30 -9.38 -0.50
C VAL B 131 -9.68 -8.00 -0.32
N SER B 132 -8.35 -7.95 -0.17
CA SER B 132 -7.64 -6.68 0.06
C SER B 132 -7.08 -6.11 -1.23
N GLY B 133 -7.20 -4.78 -1.39
CA GLY B 133 -6.72 -4.11 -2.58
C GLY B 133 -6.18 -2.71 -2.33
N VAL B 134 -5.93 -1.98 -3.43
CA VAL B 134 -5.31 -0.66 -3.36
C VAL B 134 -6.02 0.34 -4.27
N GLU B 135 -6.32 1.52 -3.73
CA GLU B 135 -6.69 2.67 -4.53
C GLU B 135 -5.46 3.57 -4.73
N LEU B 136 -5.15 3.86 -5.98
CA LEU B 136 -3.96 4.61 -6.33
C LEU B 136 -4.36 5.84 -7.17
N ARG B 137 -4.37 7.00 -6.53
CA ARG B 137 -4.73 8.25 -7.19
C ARG B 137 -3.51 8.93 -7.81
N ILE B 138 -3.51 9.06 -9.14
CA ILE B 138 -2.43 9.75 -9.86
C ILE B 138 -2.87 11.14 -10.28
N TYR B 139 -2.23 12.16 -9.73
CA TYR B 139 -2.57 13.55 -10.02
C TYR B 139 -1.90 14.05 -11.29
N VAL B 140 -2.63 14.90 -12.02
CA VAL B 140 -2.22 15.37 -13.35
C VAL B 140 -0.93 16.19 -13.36
ZN ZN D . -23.58 -10.61 -8.42
ZN ZN E . -19.37 9.93 -21.04
ZN ZN F . -20.19 8.02 -19.87
#